data_8QOR
#
_entry.id   8QOR
#
_entity_poly.entity_id   1
_entity_poly.type   'polydeoxyribonucleotide'
_entity_poly.pdbx_seq_one_letter_code
;(CFL)(GF2)(CFL)(GF2)(CFL)(GF2)
;
_entity_poly.pdbx_strand_id   A,B
#